data_7JGG
#
_entry.id   7JGG
#
_cell.length_a   1.00
_cell.length_b   1.00
_cell.length_c   1.00
_cell.angle_alpha   90.00
_cell.angle_beta   90.00
_cell.angle_gamma   90.00
#
_symmetry.space_group_name_H-M   'P 1'
#
_entity_poly.entity_id   1
_entity_poly.type   'polypeptide(L)'
_entity_poly.pdbx_seq_one_letter_code
;TGMDKSSIANKIEAYLGAKSDDSKIDQSLKADPSEVQYYGSGGDGYYLRKNICKITVNHSDSGTNDPCDRIPPPYGDNDQ
WKCAIILSKVSEKPENVFVPPRRQRMCINNLEKLNVDKIRDKHAFLADVLLTARNEGERIVQNHPDTNSSNVCNALERSF
ADIADIIRGTDLWKGTNSNLEQNLKQMFAKIRENDKVLQDKYPKDQNYRKLREDWWNANRQKVWEVITCGARSNDLLIKR
GWRTSGKSNGDNKLELCRKCGHYEEKVPTKLDYVPQFLRWLTEWIEDFYREKQNLIDDMERHREECTSEDHKSKEGTSYC
STCKDKCKKYCECVKKWKSEWENQKNKYTELYQQNKNETSQKNTSRYDDYVKDFFKKLEANYSSLENYIKGDPYFAEYAT
KLSFILNSSDANNPSEKIQKNNDEVCNCNESGIASVEQEQISDPSSNKTCITHSSIKANKKKVCKHVKLGVRENDKDLRV
CVIEHTSLSGVENCCCQDFLRILQENCSDNKSGSSSNGSCNNKNQEACEKNLEKVLASLTNCYKCDKCKSEQSKKNNKNW
IWKKSSGKEGGLQKEYANTIGLPPRTQSLCLVVCLDEKGKKTQELKNIRTNSELLKEWIIAAFHEGKNLKPSHEKKNDDN
GKKLCKALEYSFADYGDLIKGTSIWDNEYTKDLELNLQKIFGKLFRKYIKKNNTAEQDTSYSSLDELRESWWNTNKKYIW
LAMKHGAGMNSTTCCGDGSVTGSGSSCDDIPTIDLIPQYLRFLQEWVEHFCKQRQEKVKPVIENCKSCKESGGTCNGECK
TECKNKCEVYKKFIEDCKGGDGTAGSSWVKRWDQIYKRYSKYIEDAKRNRKAGTKNCGPSSTTNAAENKCVQSDIDSFFK
HLIDIGLTTPSSYLSIVLDDNICGADKAPWTTYTTYTTTEKCNKETDKSKLQQCNTAVVVNVPSPLGNTPHGYKYACQCK
IPTNEETCDDRKEYMNQWSCGSARTMKRGYKNDNYELCKYNGVDVKPTTVRSNSSKLDDKDVTFFNLFEQWNKEIQYQIE
QYMTNTKISCNNEKNVLSRVSDEAAQPKFSDNERDRNSITHEDKNCKEKCKCYSLWIEKINDQWDKQKDNYNKFQRKQIY
DANKGSQNKKVVSLSNFLFFSCWEEYIQKYFNGDWSKIKNIGSDTFEFLIKKCGNDSGDGETIFSEKLNNAEKKCKENES
TNNKMKSSETSCDCSEPIYIRGCQPKIYDGKIFPGKGGEKQWICKDTIIHGDTNGACIPPRTQNLCVGELWDKRYGGRSN
IKNDTKESLKQKIKNAIQKETELLYEYHDKGTAIISRNPMKGQKEKEEKNNDSNGLPKGFCHAVQRSFIDYKNMILGTSV
NIYEYIGKLQEDIKKIIEKGTTKQNGKTVGSGAENVNAWWKGIEGEMWDAVRCAITKINKKQKKNGTFSIDECGIFPPTG
NDEDQSVSWFKEWSEQFCIERLQYEKNIRDACTNNGQGDKIQGDCKRKCEEYKKYISEKKQEWDKQKTKYENKYVGKSAS
DLLKENYPECISANFDFIFNDNIEYKTYYPYGDYSSICSCEQVKYYEYNNAEKKNNKSLCHEKGNDRTWSKKYIKKLENG
RTLEGVYVPPRRQQLCLYELFPIIIKNKNDITNAKKELLETLQIVAEREAYYLWKQYHAHNDTTYLAHKKACCAIRGSFY
DLEDIIKGNDLVHDEYTKYIDSKLNEIFDSSNKNDIETKRARTDWWENEAIAVPNITGANKSDPKTIRQLVWDAMQSGVR
KAIDEEKEKKKPNENFPPCMGVQHIGIAKPQFIRWLEEWTNEFCEKYTKYFEDMKSNCNLRKGADDCDDNSNIECKKACA
NYTNWLNPKRIEWNGMSNYYNKIYRKSNKESEDGKDYSMIMEPTVIDYLNKRCNGEINGNYICCSCKNIGENSTSGTVNK
KLQKKETQCEDNKGPLDLMNKVLNKMDPKYSEHKMKCTEVYLEHVEEQLKEIDNAIKDYKLYPLDRCFDDKSKMKVCDLI
GDAIGCKHKTKLDELDEWNDVDMRDPYNKYKGVLIPPRRRQLCFSRIVRGPANLRNLKEFKEEILKGAQSEGKFLGNYYN
EDKDKEKALEAMKNSFYDYEYIIKGSDMLTNIQFKDIKRKLDRLLEKETNNTEKVDDWWETNKKSIWNAMLCGYKKSGNK
IIDPSWCTIPTTETPPQFLRWIKEWGTNVCIQKEEHKEYVKSKCSNVTNLGAQESESKNCTSEIKKYQEWSRKRSIQWEA
ISEGYKKYKGMDEFKNTFKNIKEPDANEPNANEYLKKHCSKCPCGFNDMQEITKYTNIGNEAFKQIKEQVDIPAELEDVI
YRLKHHEYDKGNDYICNKYKNINVNMKKNNDDTWTDLVKNSSDINKGVLLPPRRKNLFLKIDESDICKYKRDPKLFKDFI
YSSAISEVERLKKVYGEAKTKVVHAMKYSFADIGSIIKGDDMMENNSSDKIGKILGDGVGQNEKRKKWWDMNKYHIWESM
LCGYKHAYGNISENDRKMLDIPNNDDEHQFLRWFQEWTENFCTKRNELYENMVTACNSAKCNTSNGSVDKKECTEACKNY
SNFILIKKKEYQSLNSQYDMNYKETKAEKKESPEYFKDKCNGECSCLSEYFKDETRWKNPYETLDDTEVKNNCMCKPPPP
ASNNGTKHHHHHH
;
_entity_poly.pdbx_strand_id   A
#
# COMPACT_ATOMS: atom_id res chain seq x y z
N GLU A 2017 27.53 3.47 12.24
CA GLU A 2017 27.67 2.90 10.90
C GLU A 2017 27.08 1.49 10.84
N TRP A 2018 26.56 1.13 9.67
CA TRP A 2018 25.96 -0.19 9.47
C TRP A 2018 27.07 -1.23 9.40
N ASN A 2019 27.36 -1.86 10.53
CA ASN A 2019 28.45 -2.83 10.63
C ASN A 2019 27.85 -4.23 10.65
N ASP A 2020 27.64 -4.77 9.46
CA ASP A 2020 27.08 -6.12 9.33
C ASP A 2020 28.07 -7.16 9.82
N VAL A 2021 29.32 -7.08 9.34
CA VAL A 2021 30.33 -8.06 9.74
C VAL A 2021 30.67 -7.92 11.22
N ASP A 2022 30.66 -6.70 11.73
CA ASP A 2022 30.99 -6.49 13.14
C ASP A 2022 30.03 -7.26 14.05
N MET A 2023 28.75 -7.33 13.67
CA MET A 2023 27.80 -8.10 14.47
C MET A 2023 27.81 -9.57 14.09
N ARG A 2024 28.07 -9.89 12.82
CA ARG A 2024 28.10 -11.29 12.39
C ARG A 2024 29.20 -12.06 13.08
N ASP A 2025 30.37 -11.45 13.25
CA ASP A 2025 31.50 -12.17 13.85
C ASP A 2025 31.19 -12.62 15.27
N PRO A 2026 30.96 -11.73 16.24
CA PRO A 2026 30.63 -12.20 17.60
C PRO A 2026 29.39 -13.06 17.67
N TYR A 2027 28.39 -12.78 16.82
CA TYR A 2027 27.15 -13.56 16.86
C TYR A 2027 27.43 -15.03 16.55
N ASN A 2028 28.23 -15.29 15.51
CA ASN A 2028 28.60 -16.64 15.12
C ASN A 2028 27.39 -17.52 14.83
N LYS A 2029 26.26 -16.91 14.47
CA LYS A 2029 25.05 -17.65 14.16
C LYS A 2029 24.51 -17.40 12.75
N TYR A 2030 25.11 -16.48 11.99
CA TYR A 2030 24.74 -16.15 10.62
C TYR A 2030 23.42 -15.40 10.51
N LYS A 2031 22.74 -15.13 11.62
CA LYS A 2031 21.47 -14.42 11.56
C LYS A 2031 21.69 -12.97 11.13
N GLY A 2032 20.82 -12.50 10.25
CA GLY A 2032 20.92 -11.14 9.74
C GLY A 2032 20.27 -10.10 10.64
N VAL A 2033 20.93 -9.77 11.75
CA VAL A 2033 20.44 -8.79 12.71
C VAL A 2033 21.26 -7.52 12.54
N LEU A 2034 20.59 -6.41 12.25
CA LEU A 2034 21.24 -5.12 12.05
C LEU A 2034 20.55 -4.09 12.93
N ILE A 2035 21.27 -3.60 13.94
CA ILE A 2035 20.74 -2.61 14.87
C ILE A 2035 20.82 -1.22 14.22
N PRO A 2036 19.99 -0.27 14.64
CA PRO A 2036 20.03 1.06 14.04
C PRO A 2036 21.31 1.80 14.38
N PRO A 2037 21.73 2.75 13.54
CA PRO A 2037 22.98 3.48 13.83
C PRO A 2037 22.95 4.23 15.14
N ARG A 2038 21.81 4.79 15.55
CA ARG A 2038 21.73 5.49 16.82
C ARG A 2038 21.77 4.55 18.01
N ARG A 2039 21.21 3.35 17.88
CA ARG A 2039 21.17 2.36 18.95
C ARG A 2039 22.46 1.55 19.05
N ARG A 2040 23.39 1.72 18.10
CA ARG A 2040 24.52 0.81 17.99
C ARG A 2040 25.81 1.34 18.60
N GLN A 2041 25.94 2.66 18.80
CA GLN A 2041 27.29 3.15 19.02
C GLN A 2041 27.79 2.87 20.44
N LEU A 2042 27.32 3.64 21.42
CA LEU A 2042 27.07 3.27 22.82
C LEU A 2042 27.08 4.50 23.70
N CYS A 2043 26.80 4.32 24.99
CA CYS A 2043 27.23 5.24 26.03
C CYS A 2043 28.23 4.51 26.93
N PHE A 2044 29.45 5.03 26.99
CA PHE A 2044 30.54 4.28 27.62
C PHE A 2044 30.58 4.41 29.13
N SER A 2045 29.70 5.22 29.72
CA SER A 2045 29.70 5.36 31.18
C SER A 2045 29.47 4.03 31.87
N ARG A 2046 28.57 3.20 31.34
CA ARG A 2046 28.30 1.91 31.94
C ARG A 2046 29.52 1.01 31.87
N ILE A 2047 29.73 0.21 32.91
CA ILE A 2047 30.83 -0.73 33.00
C ILE A 2047 30.26 -2.14 32.89
N VAL A 2048 30.94 -3.00 32.12
CA VAL A 2048 30.49 -4.37 31.91
C VAL A 2048 30.36 -5.07 33.25
N ARG A 2049 31.33 -4.86 34.14
CA ARG A 2049 31.29 -5.45 35.47
C ARG A 2049 32.12 -4.60 36.41
N GLY A 2050 31.67 -4.53 37.67
CA GLY A 2050 32.36 -3.77 38.69
C GLY A 2050 33.13 -4.67 39.63
N PRO A 2051 32.56 -4.92 40.82
CA PRO A 2051 33.21 -5.83 41.77
C PRO A 2051 33.38 -7.22 41.18
N ALA A 2052 34.49 -7.86 41.54
CA ALA A 2052 34.78 -9.18 41.01
C ALA A 2052 34.01 -10.27 41.75
N ASN A 2053 34.25 -10.40 43.05
CA ASN A 2053 33.61 -11.43 43.86
C ASN A 2053 32.52 -10.89 44.77
N LEU A 2054 32.28 -9.57 44.76
CA LEU A 2054 31.23 -8.97 45.59
C LEU A 2054 29.90 -9.13 44.86
N ARG A 2055 29.36 -10.35 44.90
CA ARG A 2055 28.11 -10.68 44.23
C ARG A 2055 27.17 -11.31 45.24
N ASN A 2056 26.04 -10.65 45.48
CA ASN A 2056 25.00 -11.14 46.38
C ASN A 2056 23.64 -10.85 45.76
N LEU A 2057 22.61 -11.52 46.27
CA LEU A 2057 21.26 -11.32 45.74
C LEU A 2057 20.87 -9.84 45.83
N LYS A 2058 21.00 -9.25 47.03
CA LYS A 2058 20.71 -7.83 47.17
C LYS A 2058 21.71 -6.98 46.39
N GLU A 2059 23.00 -7.34 46.43
CA GLU A 2059 23.99 -6.59 45.68
C GLU A 2059 23.73 -6.70 44.18
N PHE A 2060 23.37 -7.89 43.71
CA PHE A 2060 23.07 -8.07 42.29
C PHE A 2060 21.83 -7.28 41.88
N LYS A 2061 20.80 -7.27 42.73
CA LYS A 2061 19.63 -6.44 42.45
C LYS A 2061 20.01 -4.96 42.39
N GLU A 2062 20.85 -4.52 43.32
CA GLU A 2062 21.27 -3.11 43.32
C GLU A 2062 22.05 -2.77 42.07
N GLU A 2063 22.95 -3.66 41.63
CA GLU A 2063 23.73 -3.38 40.44
C GLU A 2063 22.83 -3.34 39.20
N ILE A 2064 21.86 -4.25 39.12
CA ILE A 2064 20.94 -4.21 37.99
C ILE A 2064 20.11 -2.93 38.01
N LEU A 2065 19.67 -2.49 39.19
CA LEU A 2065 18.93 -1.23 39.28
C LEU A 2065 19.79 -0.06 38.85
N LYS A 2066 21.06 -0.03 39.26
CA LYS A 2066 21.96 1.05 38.85
C LYS A 2066 22.15 1.04 37.34
N GLY A 2067 22.33 -0.14 36.76
CA GLY A 2067 22.46 -0.23 35.32
C GLY A 2067 21.23 0.28 34.58
N ALA A 2068 20.05 -0.10 35.07
CA ALA A 2068 18.80 0.37 34.46
C ALA A 2068 18.67 1.87 34.57
N GLN A 2069 18.99 2.43 35.73
CA GLN A 2069 18.91 3.88 35.92
C GLN A 2069 19.88 4.59 34.98
N SER A 2070 21.10 4.09 34.87
CA SER A 2070 22.07 4.70 33.97
C SER A 2070 21.59 4.63 32.52
N GLU A 2071 21.04 3.48 32.11
CA GLU A 2071 20.54 3.34 30.75
C GLU A 2071 19.42 4.32 30.47
N GLY A 2072 18.50 4.47 31.42
CA GLY A 2072 17.45 5.46 31.27
C GLY A 2072 18.00 6.87 31.16
N LYS A 2073 19.04 7.17 31.94
CA LYS A 2073 19.65 8.50 31.88
C LYS A 2073 20.28 8.74 30.51
N PHE A 2074 20.98 7.77 29.96
CA PHE A 2074 21.57 7.96 28.64
C PHE A 2074 20.48 8.07 27.56
N LEU A 2075 19.39 7.31 27.72
CA LEU A 2075 18.28 7.45 26.78
C LEU A 2075 17.71 8.86 26.82
N GLY A 2076 17.51 9.40 28.02
CA GLY A 2076 17.01 10.76 28.13
C GLY A 2076 17.96 11.78 27.55
N ASN A 2077 19.27 11.60 27.78
CA ASN A 2077 20.25 12.50 27.20
C ASN A 2077 20.21 12.45 25.68
N TYR A 2078 20.12 11.25 25.10
CA TYR A 2078 20.05 11.13 23.66
C TYR A 2078 18.79 11.78 23.10
N TYR A 2079 17.64 11.58 23.77
CA TYR A 2079 16.40 12.20 23.31
C TYR A 2079 16.50 13.71 23.37
N ASN A 2080 17.10 14.24 24.44
CA ASN A 2080 17.38 15.67 24.47
C ASN A 2080 18.28 16.07 23.31
N GLU A 2081 19.21 15.20 22.92
CA GLU A 2081 20.04 15.46 21.76
C GLU A 2081 19.18 15.56 20.49
N ASP A 2082 18.20 14.67 20.36
CA ASP A 2082 17.33 14.69 19.18
C ASP A 2082 16.40 15.90 19.21
N LYS A 2083 15.58 16.01 20.26
CA LYS A 2083 14.64 17.11 20.41
C LYS A 2083 13.74 17.25 19.18
N ASP A 2084 12.96 16.20 18.95
CA ASP A 2084 12.06 16.14 17.81
C ASP A 2084 10.61 16.09 18.30
N LYS A 2085 9.70 16.52 17.42
CA LYS A 2085 8.28 16.55 17.78
C LYS A 2085 7.75 15.15 18.09
N GLU A 2086 8.13 14.17 17.27
CA GLU A 2086 7.65 12.80 17.44
C GLU A 2086 8.75 11.75 17.47
N LYS A 2087 9.97 12.08 17.03
CA LYS A 2087 11.04 11.09 17.06
C LYS A 2087 11.43 10.74 18.50
N ALA A 2088 11.31 11.68 19.42
CA ALA A 2088 11.67 11.40 20.80
C ALA A 2088 10.81 10.30 21.39
N LEU A 2089 9.50 10.35 21.17
CA LEU A 2089 8.61 9.32 21.69
C LEU A 2089 8.90 7.97 21.04
N GLU A 2090 9.17 7.96 19.74
CA GLU A 2090 9.50 6.70 19.07
C GLU A 2090 10.76 6.09 19.65
N ALA A 2091 11.79 6.91 19.86
CA ALA A 2091 13.02 6.40 20.46
C ALA A 2091 12.78 5.91 21.88
N MET A 2092 11.97 6.63 22.66
CA MET A 2092 11.66 6.22 24.02
C MET A 2092 10.98 4.85 24.04
N LYS A 2093 9.96 4.68 23.19
CA LYS A 2093 9.25 3.41 23.14
C LYS A 2093 10.17 2.28 22.67
N ASN A 2094 11.00 2.55 21.66
CA ASN A 2094 11.93 1.53 21.20
C ASN A 2094 12.91 1.13 22.30
N SER A 2095 13.37 2.11 23.08
CA SER A 2095 14.26 1.81 24.20
C SER A 2095 13.58 0.91 25.22
N PHE A 2096 12.32 1.23 25.57
CA PHE A 2096 11.59 0.33 26.47
C PHE A 2096 11.43 -1.06 25.89
N TYR A 2097 11.09 -1.17 24.60
CA TYR A 2097 10.93 -2.50 24.01
C TYR A 2097 12.24 -3.28 24.05
N ASP A 2098 13.35 -2.64 23.68
CA ASP A 2098 14.64 -3.33 23.68
C ASP A 2098 15.04 -3.77 25.09
N TYR A 2099 14.86 -2.88 26.07
CA TYR A 2099 15.22 -3.24 27.44
C TYR A 2099 14.30 -4.33 27.99
N GLU A 2100 13.02 -4.32 27.61
CA GLU A 2100 12.12 -5.40 28.01
C GLU A 2100 12.56 -6.73 27.41
N TYR A 2101 12.96 -6.72 26.14
CA TYR A 2101 13.48 -7.95 25.54
C TYR A 2101 14.71 -8.44 26.29
N ILE A 2102 15.63 -7.52 26.60
CA ILE A 2102 16.85 -7.91 27.29
C ILE A 2102 16.53 -8.49 28.66
N ILE A 2103 15.62 -7.86 29.39
CA ILE A 2103 15.33 -8.29 30.75
C ILE A 2103 14.59 -9.62 30.76
N LYS A 2104 13.60 -9.80 29.88
CA LYS A 2104 12.76 -10.99 29.87
C LYS A 2104 13.03 -11.89 28.67
N GLY A 2105 14.28 -11.96 28.23
CA GLY A 2105 14.62 -12.87 27.14
C GLY A 2105 14.25 -14.30 27.44
N SER A 2106 14.61 -14.78 28.64
CA SER A 2106 14.31 -16.15 29.05
C SER A 2106 14.77 -17.16 28.01
N ASP A 2107 15.86 -16.83 27.32
CA ASP A 2107 16.42 -17.68 26.28
C ASP A 2107 17.85 -17.24 26.03
N MET A 2108 18.44 -17.75 24.95
CA MET A 2108 19.82 -17.41 24.60
C MET A 2108 19.84 -16.18 23.72
N LEU A 2109 20.65 -15.20 24.10
CA LEU A 2109 20.83 -13.96 23.36
C LEU A 2109 22.32 -13.74 23.08
N THR A 2110 22.65 -12.57 22.54
CA THR A 2110 24.03 -12.22 22.24
C THR A 2110 24.76 -11.69 23.48
N ASN A 2111 24.70 -12.47 24.56
CA ASN A 2111 25.34 -12.12 25.82
C ASN A 2111 26.23 -13.28 26.26
N ILE A 2112 27.48 -12.97 26.60
CA ILE A 2112 28.44 -13.99 27.01
C ILE A 2112 28.02 -14.56 28.36
N GLN A 2113 27.95 -13.70 29.38
CA GLN A 2113 27.52 -14.11 30.71
C GLN A 2113 26.65 -13.04 31.38
N PHE A 2114 25.97 -12.22 30.58
CA PHE A 2114 25.17 -11.14 31.13
C PHE A 2114 23.86 -11.64 31.75
N LYS A 2115 23.38 -12.80 31.34
CA LYS A 2115 22.13 -13.32 31.90
C LYS A 2115 22.25 -14.73 32.45
N ASP A 2116 23.02 -15.60 31.78
CA ASP A 2116 23.07 -17.01 32.19
C ASP A 2116 23.68 -17.17 33.57
N ILE A 2117 24.84 -16.54 33.80
CA ILE A 2117 25.50 -16.68 35.09
C ILE A 2117 24.67 -16.03 36.18
N LYS A 2118 24.04 -14.89 35.90
CA LYS A 2118 23.18 -14.26 36.90
C LYS A 2118 22.01 -15.15 37.27
N ARG A 2119 21.36 -15.76 36.27
CA ARG A 2119 20.25 -16.66 36.56
C ARG A 2119 20.71 -17.86 37.37
N LYS A 2120 21.87 -18.43 37.00
CA LYS A 2120 22.37 -19.59 37.74
C LYS A 2120 22.67 -19.22 39.19
N LEU A 2121 23.32 -18.08 39.42
CA LEU A 2121 23.63 -17.66 40.77
C LEU A 2121 22.36 -17.38 41.57
N ASP A 2122 21.37 -16.73 40.95
CA ASP A 2122 20.13 -16.46 41.65
C ASP A 2122 19.43 -17.75 42.05
N ARG A 2123 19.36 -18.72 41.13
CA ARG A 2123 18.72 -19.99 41.45
C ARG A 2123 19.47 -20.76 42.51
N LEU A 2124 20.81 -20.68 42.50
CA LEU A 2124 21.60 -21.40 43.50
C LEU A 2124 21.51 -20.76 44.88
N LEU A 2125 21.42 -19.42 44.94
CA LEU A 2125 21.40 -18.73 46.23
C LEU A 2125 20.02 -18.65 46.84
N GLU A 2126 18.97 -18.48 46.03
CA GLU A 2126 17.62 -18.35 46.58
C GLU A 2126 17.20 -19.62 47.30
N LYS A 2127 17.50 -20.78 46.73
CA LYS A 2127 17.14 -22.06 47.33
C LYS A 2127 17.73 -23.16 46.47
N GLU A 2128 17.69 -24.39 47.01
CA GLU A 2128 18.18 -25.55 46.27
C GLU A 2128 17.27 -25.80 45.07
N THR A 2129 17.82 -25.65 43.87
CA THR A 2129 17.06 -25.82 42.62
C THR A 2129 15.89 -24.84 42.57
N ASN A 2130 16.22 -23.56 42.63
CA ASN A 2130 15.21 -22.52 42.61
C ASN A 2130 14.46 -22.52 41.27
N ASN A 2131 13.15 -22.30 41.35
CA ASN A 2131 12.31 -22.30 40.16
C ASN A 2131 12.47 -20.99 39.37
N THR A 2132 12.07 -21.04 38.10
CA THR A 2132 12.14 -19.87 37.23
C THR A 2132 11.01 -18.88 37.46
N GLU A 2133 9.95 -19.29 38.17
CA GLU A 2133 8.88 -18.34 38.48
C GLU A 2133 9.40 -17.21 39.36
N LYS A 2134 10.31 -17.53 40.29
CA LYS A 2134 10.91 -16.49 41.13
C LYS A 2134 11.68 -15.49 40.29
N VAL A 2135 12.47 -15.98 39.32
CA VAL A 2135 13.22 -15.05 38.47
C VAL A 2135 12.28 -14.24 37.60
N ASP A 2136 11.19 -14.84 37.12
CA ASP A 2136 10.23 -14.10 36.31
C ASP A 2136 9.57 -12.97 37.12
N ASP A 2137 9.18 -13.28 38.35
CA ASP A 2137 8.58 -12.24 39.18
C ASP A 2137 9.60 -11.17 39.55
N TRP A 2138 10.86 -11.56 39.77
CA TRP A 2138 11.88 -10.55 40.00
C TRP A 2138 12.07 -9.66 38.78
N TRP A 2139 12.01 -10.23 37.58
CA TRP A 2139 12.14 -9.44 36.37
C TRP A 2139 10.96 -8.47 36.22
N GLU A 2140 9.75 -8.92 36.52
CA GLU A 2140 8.60 -8.02 36.47
C GLU A 2140 8.73 -6.91 37.51
N THR A 2141 9.27 -7.25 38.69
CA THR A 2141 9.52 -6.23 39.70
C THR A 2141 10.55 -5.21 39.21
N ASN A 2142 11.58 -5.67 38.51
CA ASN A 2142 12.55 -4.74 37.94
C ASN A 2142 11.92 -3.85 36.89
N LYS A 2143 11.01 -4.41 36.09
CA LYS A 2143 10.29 -3.59 35.11
C LYS A 2143 9.46 -2.51 35.81
N LYS A 2144 8.77 -2.89 36.89
CA LYS A 2144 8.02 -1.90 37.66
C LYS A 2144 8.94 -0.83 38.23
N SER A 2145 10.12 -1.25 38.73
CA SER A 2145 11.07 -0.30 39.29
C SER A 2145 11.58 0.66 38.22
N ILE A 2146 11.87 0.16 37.02
CA ILE A 2146 12.33 1.04 35.94
C ILE A 2146 11.21 2.00 35.54
N TRP A 2147 9.96 1.53 35.56
CA TRP A 2147 8.84 2.43 35.29
C TRP A 2147 8.76 3.52 36.34
N ASN A 2148 8.93 3.17 37.61
CA ASN A 2148 8.79 4.12 38.72
C ASN A 2148 10.06 4.93 38.97
N ALA A 2149 11.15 4.66 38.25
CA ALA A 2149 12.41 5.36 38.50
C ALA A 2149 12.28 6.87 38.35
N MET A 2150 11.27 7.35 37.63
CA MET A 2150 11.07 8.79 37.52
C MET A 2150 10.93 9.44 38.89
N LEU A 2151 10.42 8.70 39.87
CA LEU A 2151 10.30 9.19 41.25
C LEU A 2151 9.48 10.48 41.30
N CYS A 2152 8.30 10.45 40.68
CA CYS A 2152 7.41 11.61 40.61
C CYS A 2152 8.14 12.81 40.00
N GLY A 2153 8.76 12.56 38.86
CA GLY A 2153 9.52 13.60 38.19
C GLY A 2153 8.62 14.74 37.73
N TYR A 2154 9.22 15.92 37.67
CA TYR A 2154 8.47 17.11 37.26
C TYR A 2154 8.05 17.00 35.80
N LYS A 2155 6.93 17.66 35.48
CA LYS A 2155 6.41 17.61 34.12
C LYS A 2155 7.39 18.22 33.13
N LYS A 2156 8.02 19.34 33.51
CA LYS A 2156 8.95 20.01 32.61
C LYS A 2156 10.17 19.14 32.32
N SER A 2157 10.68 18.43 33.34
CA SER A 2157 11.91 17.67 33.17
C SER A 2157 11.74 16.57 32.13
N GLY A 2158 10.63 15.84 32.16
CA GLY A 2158 10.39 14.73 31.27
C GLY A 2158 9.21 14.98 30.35
N ASN A 2159 9.36 14.54 29.10
CA ASN A 2159 8.30 14.69 28.09
C ASN A 2159 7.55 13.37 27.97
N LYS A 2160 6.25 13.41 28.21
CA LYS A 2160 5.41 12.23 28.12
C LYS A 2160 4.01 12.68 27.71
N ILE A 2161 3.03 11.80 27.90
CA ILE A 2161 1.65 12.16 27.60
C ILE A 2161 1.27 13.41 28.39
N ILE A 2162 0.76 14.42 27.70
CA ILE A 2162 0.49 15.72 28.32
C ILE A 2162 -0.83 15.65 29.07
N ASP A 2163 -0.78 15.89 30.37
CA ASP A 2163 -1.96 15.96 31.21
C ASP A 2163 -1.77 17.12 32.19
N PRO A 2164 -2.85 17.64 32.76
CA PRO A 2164 -2.73 18.78 33.67
C PRO A 2164 -1.94 18.43 34.92
N SER A 2165 -0.75 19.03 35.06
CA SER A 2165 0.13 18.83 36.21
C SER A 2165 0.66 17.42 36.31
N TRP A 2166 0.55 16.62 35.24
CA TRP A 2166 1.07 15.25 35.26
C TRP A 2166 1.34 14.85 33.80
N CYS A 2167 2.61 14.84 33.43
CA CYS A 2167 3.04 14.51 32.07
C CYS A 2167 3.74 13.15 32.13
N THR A 2168 2.94 12.08 32.01
CA THR A 2168 3.46 10.72 32.02
C THR A 2168 2.62 9.86 31.08
N ILE A 2169 3.22 8.76 30.63
CA ILE A 2169 2.55 7.84 29.73
C ILE A 2169 2.17 6.57 30.50
N PRO A 2170 1.05 5.93 30.18
CA PRO A 2170 0.66 4.72 30.89
C PRO A 2170 1.59 3.55 30.56
N THR A 2171 1.63 2.59 31.48
CA THR A 2171 2.43 1.40 31.27
C THR A 2171 1.89 0.59 30.09
N THR A 2172 2.81 0.03 29.31
CA THR A 2172 2.45 -0.73 28.11
C THR A 2172 2.53 -2.22 28.40
N GLU A 2173 1.44 -2.93 28.12
CA GLU A 2173 1.42 -4.37 28.31
C GLU A 2173 2.39 -5.04 27.34
N THR A 2174 3.07 -6.08 27.82
CA THR A 2174 4.06 -6.77 27.00
C THR A 2174 3.38 -7.84 26.15
N PRO A 2175 3.41 -7.72 24.83
CA PRO A 2175 2.85 -8.77 23.97
C PRO A 2175 3.78 -9.97 23.91
N PRO A 2176 3.47 -10.97 23.09
CA PRO A 2176 4.36 -12.13 22.96
C PRO A 2176 5.75 -11.69 22.53
N GLN A 2177 6.77 -12.35 23.09
CA GLN A 2177 8.15 -11.95 22.83
C GLN A 2177 8.50 -12.12 21.35
N PHE A 2178 8.03 -13.19 20.72
CA PHE A 2178 8.27 -13.37 19.29
C PHE A 2178 7.61 -12.25 18.49
N LEU A 2179 6.34 -11.99 18.77
CA LEU A 2179 5.64 -10.90 18.10
C LEU A 2179 6.25 -9.55 18.49
N ARG A 2180 6.70 -9.41 19.73
CA ARG A 2180 7.33 -8.15 20.15
C ARG A 2180 8.61 -7.90 19.36
N TRP A 2181 9.43 -8.93 19.17
CA TRP A 2181 10.64 -8.77 18.37
C TRP A 2181 10.31 -8.48 16.92
N ILE A 2182 9.29 -9.15 16.38
CA ILE A 2182 8.87 -8.85 15.01
C ILE A 2182 8.49 -7.38 14.89
N LYS A 2183 7.69 -6.88 15.83
CA LYS A 2183 7.25 -5.49 15.79
C LYS A 2183 8.42 -4.54 15.93
N GLU A 2184 9.36 -4.84 16.82
CA GLU A 2184 10.51 -3.96 17.00
C GLU A 2184 11.36 -3.91 15.74
N TRP A 2185 11.61 -5.06 15.12
CA TRP A 2185 12.38 -5.07 13.88
C TRP A 2185 11.65 -4.31 12.78
N GLY A 2186 10.33 -4.51 12.67
CA GLY A 2186 9.58 -3.80 11.65
C GLY A 2186 9.60 -2.30 11.85
N THR A 2187 9.43 -1.85 13.10
CA THR A 2187 9.45 -0.41 13.38
C THR A 2187 10.83 0.16 13.10
N ASN A 2188 11.89 -0.55 13.47
CA ASN A 2188 13.24 -0.06 13.18
C ASN A 2188 13.45 0.08 11.68
N VAL A 2189 13.13 -0.96 10.93
CA VAL A 2189 13.37 -0.93 9.48
C VAL A 2189 12.52 0.17 8.83
N CYS A 2190 11.25 0.28 9.23
CA CYS A 2190 10.41 1.33 8.68
C CYS A 2190 10.99 2.70 8.97
N ILE A 2191 11.23 3.01 10.25
CA ILE A 2191 11.75 4.32 10.61
C ILE A 2191 13.00 4.63 9.80
N GLN A 2192 13.87 3.64 9.62
CA GLN A 2192 15.05 3.84 8.79
C GLN A 2192 14.67 4.21 7.36
N LYS A 2193 13.68 3.52 6.79
CA LYS A 2193 13.33 3.78 5.39
C LYS A 2193 12.69 5.16 5.23
N GLU A 2194 11.80 5.55 6.15
CA GLU A 2194 11.24 6.90 6.08
C GLU A 2194 12.34 7.95 6.25
N GLU A 2195 13.29 7.73 7.16
CA GLU A 2195 14.36 8.71 7.32
C GLU A 2195 15.19 8.83 6.05
N HIS A 2196 15.52 7.70 5.43
CA HIS A 2196 16.29 7.74 4.19
C HIS A 2196 15.51 8.43 3.08
N LYS A 2197 14.21 8.15 2.97
CA LYS A 2197 13.39 8.79 1.96
C LYS A 2197 13.32 10.30 2.19
N GLU A 2198 13.16 10.72 3.44
CA GLU A 2198 13.14 12.15 3.75
C GLU A 2198 14.47 12.80 3.38
N TYR A 2199 15.58 12.15 3.70
CA TYR A 2199 16.89 12.70 3.35
C TYR A 2199 17.05 12.83 1.85
N VAL A 2200 16.63 11.81 1.09
CA VAL A 2200 16.79 11.85 -0.35
C VAL A 2200 15.88 12.90 -0.97
N LYS A 2201 14.65 13.04 -0.46
CA LYS A 2201 13.71 13.98 -1.03
C LYS A 2201 14.05 15.43 -0.68
N SER A 2202 14.62 15.66 0.51
CA SER A 2202 14.96 17.02 0.92
C SER A 2202 15.94 17.65 -0.06
N LYS A 2203 17.14 17.08 -0.16
CA LYS A 2203 18.13 17.55 -1.11
C LYS A 2203 17.75 17.13 -2.52
N CYS A 2204 18.04 18.02 -3.48
CA CYS A 2204 17.76 17.75 -4.90
C CYS A 2204 16.26 17.59 -5.14
N SER A 2205 15.43 18.25 -4.34
CA SER A 2205 13.99 18.12 -4.48
C SER A 2205 13.51 18.63 -5.82
N ASN A 2206 14.04 19.77 -6.28
CA ASN A 2206 13.60 20.39 -7.52
C ASN A 2206 14.41 19.80 -8.67
N VAL A 2207 13.75 19.00 -9.51
CA VAL A 2207 14.38 18.42 -10.68
C VAL A 2207 13.73 18.87 -11.99
N THR A 2208 12.48 19.32 -11.96
CA THR A 2208 11.83 19.77 -13.18
C THR A 2208 12.46 21.04 -13.72
N ASN A 2209 12.89 21.95 -12.84
CA ASN A 2209 13.49 23.21 -13.25
C ASN A 2209 14.98 23.01 -13.47
N LEU A 2210 15.43 23.26 -14.70
CA LEU A 2210 16.84 23.10 -15.07
C LEU A 2210 17.30 21.67 -14.86
N GLY A 2211 16.38 20.72 -15.00
CA GLY A 2211 16.68 19.31 -14.85
C GLY A 2211 17.06 18.60 -16.12
N ALA A 2212 17.23 19.32 -17.23
CA ALA A 2212 17.59 18.67 -18.49
C ALA A 2212 18.95 17.99 -18.40
N GLN A 2213 19.92 18.64 -17.75
CA GLN A 2213 21.26 18.11 -17.61
C GLN A 2213 21.39 17.37 -16.29
N GLU A 2214 21.80 16.10 -16.37
CA GLU A 2214 21.98 15.30 -15.15
C GLU A 2214 23.15 15.80 -14.32
N SER A 2215 24.22 16.27 -14.98
CA SER A 2215 25.42 16.68 -14.28
C SER A 2215 25.20 17.89 -13.37
N GLU A 2216 24.09 18.62 -13.54
CA GLU A 2216 23.83 19.77 -12.68
C GLU A 2216 23.73 19.36 -11.22
N SER A 2217 23.01 18.27 -10.95
CA SER A 2217 22.86 17.75 -9.59
C SER A 2217 22.94 16.22 -9.60
N LYS A 2218 23.73 15.67 -10.54
CA LYS A 2218 23.78 14.23 -10.69
C LYS A 2218 24.11 13.53 -9.38
N ASN A 2219 24.94 14.16 -8.54
CA ASN A 2219 25.31 13.55 -7.26
C ASN A 2219 24.07 13.10 -6.50
N CYS A 2220 23.04 13.96 -6.42
CA CYS A 2220 21.84 13.58 -5.69
C CYS A 2220 21.29 12.26 -6.21
N THR A 2221 21.16 12.13 -7.53
CA THR A 2221 20.73 10.86 -8.10
C THR A 2221 21.63 9.73 -7.63
N SER A 2222 22.95 9.91 -7.74
CA SER A 2222 23.87 8.91 -7.23
C SER A 2222 23.53 8.56 -5.79
N GLU A 2223 23.28 9.58 -4.96
CA GLU A 2223 22.91 9.33 -3.57
C GLU A 2223 21.72 8.37 -3.51
N ILE A 2224 20.63 8.70 -4.22
CA ILE A 2224 19.49 7.81 -4.19
C ILE A 2224 19.88 6.46 -4.77
N LYS A 2225 20.69 6.46 -5.84
CA LYS A 2225 21.21 5.19 -6.35
C LYS A 2225 21.90 4.42 -5.23
N LYS A 2226 22.79 5.10 -4.48
CA LYS A 2226 23.36 4.46 -3.30
C LYS A 2226 22.26 3.97 -2.37
N TYR A 2227 21.33 4.86 -2.03
CA TYR A 2227 20.18 4.43 -1.23
C TYR A 2227 19.53 3.20 -1.85
N GLN A 2228 19.34 3.23 -3.18
CA GLN A 2228 18.75 2.08 -3.86
C GLN A 2228 19.53 0.82 -3.53
N GLU A 2229 20.85 0.83 -3.72
CA GLU A 2229 21.63 -0.36 -3.39
C GLU A 2229 21.51 -0.66 -1.91
N TRP A 2230 21.54 0.37 -1.07
CA TRP A 2230 21.31 0.15 0.35
C TRP A 2230 19.96 -0.52 0.56
N SER A 2231 18.92 -0.04 -0.12
CA SER A 2231 17.63 -0.71 -0.04
C SER A 2231 17.76 -2.18 -0.39
N ARG A 2232 18.49 -2.49 -1.47
CA ARG A 2232 18.74 -3.88 -1.81
C ARG A 2232 19.38 -4.61 -0.65
N LYS A 2233 20.42 -4.02 -0.06
CA LYS A 2233 21.08 -4.64 1.08
C LYS A 2233 20.08 -4.91 2.20
N ARG A 2234 19.09 -4.02 2.36
CA ARG A 2234 18.03 -4.28 3.32
C ARG A 2234 17.21 -5.49 2.91
N SER A 2235 16.73 -5.51 1.65
CA SER A 2235 15.77 -6.52 1.23
C SER A 2235 16.26 -7.92 1.57
N ILE A 2236 17.40 -8.32 1.00
CA ILE A 2236 17.93 -9.65 1.28
C ILE A 2236 18.10 -9.83 2.77
N GLN A 2237 18.72 -8.86 3.45
CA GLN A 2237 18.86 -8.95 4.90
C GLN A 2237 17.52 -9.21 5.56
N TRP A 2238 16.49 -8.43 5.21
CA TRP A 2238 15.16 -8.67 5.74
C TRP A 2238 14.75 -10.12 5.50
N GLU A 2239 14.87 -10.58 4.25
CA GLU A 2239 14.55 -11.97 3.96
C GLU A 2239 15.26 -12.91 4.92
N ALA A 2240 16.57 -12.69 5.11
CA ALA A 2240 17.33 -13.53 6.02
C ALA A 2240 16.67 -13.57 7.39
N ILE A 2241 16.39 -12.39 7.96
CA ILE A 2241 15.77 -12.37 9.29
C ILE A 2241 14.44 -13.10 9.25
N SER A 2242 13.67 -12.90 8.18
CA SER A 2242 12.41 -13.62 8.05
C SER A 2242 12.64 -15.12 8.20
N GLU A 2243 13.64 -15.65 7.49
CA GLU A 2243 13.93 -17.08 7.62
C GLU A 2243 14.15 -17.45 9.08
N GLY A 2244 14.96 -16.67 9.79
CA GLY A 2244 15.18 -16.94 11.19
C GLY A 2244 13.87 -16.97 11.97
N TYR A 2245 13.00 -15.99 11.72
CA TYR A 2245 11.70 -15.99 12.36
C TYR A 2245 10.92 -17.25 12.00
N LYS A 2246 10.99 -17.66 10.73
CA LYS A 2246 10.33 -18.90 10.33
C LYS A 2246 10.83 -20.07 11.16
N LYS A 2247 12.12 -20.06 11.53
CA LYS A 2247 12.66 -21.10 12.38
C LYS A 2247 12.15 -20.96 13.81
N TYR A 2248 12.02 -19.73 14.29
CA TYR A 2248 11.62 -19.51 15.68
C TYR A 2248 10.11 -19.54 15.84
N LYS A 2249 9.37 -19.51 14.72
CA LYS A 2249 7.92 -19.50 14.79
C LYS A 2249 7.37 -20.92 14.97
N GLY A 2250 8.25 -21.87 15.25
CA GLY A 2250 7.82 -23.25 15.45
C GLY A 2250 6.98 -23.43 16.69
N MET A 2251 5.69 -23.69 16.49
CA MET A 2251 4.77 -23.93 17.60
C MET A 2251 4.45 -25.42 17.74
N THR A 2296 1.90 3.05 0.25
CA THR A 2296 1.31 3.45 -1.03
C THR A 2296 2.06 2.83 -2.20
N ASN A 2297 2.14 1.50 -2.22
CA ASN A 2297 2.84 0.76 -3.26
C ASN A 2297 1.95 -0.39 -3.72
N ILE A 2298 2.47 -1.17 -4.66
CA ILE A 2298 1.76 -2.32 -5.21
C ILE A 2298 2.25 -3.62 -4.59
N GLY A 2299 3.57 -3.81 -4.52
CA GLY A 2299 4.14 -5.01 -3.94
C GLY A 2299 5.50 -4.78 -3.34
N ASN A 2300 6.20 -5.87 -3.01
CA ASN A 2300 7.54 -5.76 -2.44
C ASN A 2300 8.53 -5.14 -3.41
N GLU A 2301 8.26 -5.20 -4.71
CA GLU A 2301 9.17 -4.61 -5.69
C GLU A 2301 9.37 -3.12 -5.44
N ALA A 2302 8.33 -2.43 -4.98
CA ALA A 2302 8.47 -1.00 -4.69
C ALA A 2302 9.57 -0.75 -3.66
N PHE A 2303 9.79 -1.70 -2.74
CA PHE A 2303 10.88 -1.56 -1.79
C PHE A 2303 12.23 -1.53 -2.50
N LYS A 2304 12.42 -2.40 -3.50
CA LYS A 2304 13.67 -2.41 -4.24
C LYS A 2304 13.74 -1.25 -5.24
N GLN A 2305 12.61 -0.84 -5.79
CA GLN A 2305 12.58 0.26 -6.73
C GLN A 2305 12.62 1.60 -6.00
N ILE A 2306 12.69 2.68 -6.78
CA ILE A 2306 12.75 4.03 -6.23
C ILE A 2306 11.49 4.79 -6.65
N LYS A 2307 11.22 5.87 -5.93
CA LYS A 2307 10.04 6.67 -6.20
C LYS A 2307 10.10 7.27 -7.60
N GLU A 2308 8.93 7.41 -8.22
CA GLU A 2308 8.85 7.97 -9.57
C GLU A 2308 9.40 9.39 -9.64
N GLN A 2309 9.42 10.11 -8.52
CA GLN A 2309 9.93 11.48 -8.52
C GLN A 2309 11.38 11.52 -9.00
N VAL A 2310 12.15 10.48 -8.70
CA VAL A 2310 13.55 10.43 -9.15
C VAL A 2310 13.70 9.89 -10.57
N ASP A 2311 12.65 9.29 -11.13
CA ASP A 2311 12.74 8.75 -12.48
C ASP A 2311 12.93 9.83 -13.53
N ILE A 2312 12.53 11.07 -13.24
CA ILE A 2312 12.73 12.15 -14.21
C ILE A 2312 14.21 12.36 -14.52
N PRO A 2313 15.10 12.50 -13.53
CA PRO A 2313 16.53 12.57 -13.83
C PRO A 2313 17.25 11.24 -13.86
N ALA A 2314 16.53 10.13 -13.65
CA ALA A 2314 17.12 8.80 -13.63
C ALA A 2314 16.92 8.06 -14.94
N GLU A 2315 16.53 8.75 -16.00
CA GLU A 2315 16.30 8.11 -17.28
C GLU A 2315 17.60 7.53 -17.82
N LEU A 2316 17.48 6.45 -18.59
CA LEU A 2316 18.65 5.77 -19.14
C LEU A 2316 19.44 6.73 -20.03
N GLU A 2317 20.77 6.65 -19.93
CA GLU A 2317 21.65 7.51 -20.70
C GLU A 2317 22.07 6.84 -22.01
N ASN A 2332 2.91 -13.72 4.87
CA ASN A 2332 2.88 -14.35 3.55
C ASN A 2332 1.68 -13.87 2.74
N ASP A 2333 0.48 -13.93 3.34
CA ASP A 2333 -0.73 -13.48 2.68
C ASP A 2333 -1.64 -12.70 3.62
N TYR A 2334 -1.10 -12.14 4.71
CA TYR A 2334 -1.92 -11.42 5.66
C TYR A 2334 -2.59 -10.22 5.02
N ILE A 2335 -1.85 -9.46 4.21
CA ILE A 2335 -2.43 -8.29 3.55
C ILE A 2335 -3.54 -8.70 2.59
N CYS A 2336 -3.33 -9.80 1.86
CA CYS A 2336 -4.32 -10.26 0.89
C CYS A 2336 -5.63 -10.69 1.55
N ASN A 2337 -5.61 -10.98 2.86
CA ASN A 2337 -6.82 -11.38 3.55
C ASN A 2337 -7.71 -10.21 3.93
N LYS A 2338 -7.24 -8.97 3.76
CA LYS A 2338 -8.06 -7.82 4.11
C LYS A 2338 -9.33 -7.75 3.26
N TYR A 2339 -9.24 -8.14 1.99
CA TYR A 2339 -10.42 -8.15 1.14
C TYR A 2339 -11.49 -9.09 1.70
N LYS A 2340 -11.08 -10.29 2.13
CA LYS A 2340 -12.02 -11.20 2.76
C LYS A 2340 -12.56 -10.62 4.07
N ASN A 2341 -11.69 -9.99 4.86
CA ASN A 2341 -12.14 -9.41 6.12
C ASN A 2341 -13.16 -8.30 5.88
N ILE A 2342 -13.08 -7.62 4.75
CA ILE A 2342 -13.96 -6.50 4.44
C ILE A 2342 -15.16 -6.96 3.59
N ASN A 2343 -15.41 -8.25 3.50
CA ASN A 2343 -16.52 -8.74 2.71
C ASN A 2343 -17.84 -8.24 3.28
N VAL A 2344 -18.73 -7.82 2.39
CA VAL A 2344 -20.04 -7.30 2.80
C VAL A 2344 -19.87 -6.05 3.66
N ASP A 2356 -29.32 -9.82 -15.90
CA ASP A 2356 -28.78 -9.82 -17.24
C ASP A 2356 -28.51 -8.40 -17.73
N LEU A 2357 -27.21 -8.07 -17.83
CA LEU A 2357 -26.81 -6.74 -18.27
C LEU A 2357 -25.89 -6.84 -19.49
N VAL A 2358 -25.01 -7.84 -19.50
CA VAL A 2358 -24.08 -8.00 -20.61
C VAL A 2358 -24.83 -8.43 -21.88
N LYS A 2359 -25.84 -9.28 -21.75
CA LYS A 2359 -26.59 -9.79 -22.89
C LYS A 2359 -27.73 -8.86 -23.32
N ASN A 2360 -27.91 -7.73 -22.65
CA ASN A 2360 -28.97 -6.80 -23.02
C ASN A 2360 -28.72 -6.25 -24.42
N SER A 2361 -29.81 -6.11 -25.17
CA SER A 2361 -29.74 -5.60 -26.54
C SER A 2361 -30.23 -4.17 -26.57
N SER A 2362 -29.45 -3.30 -27.21
CA SER A 2362 -29.82 -1.89 -27.31
C SER A 2362 -31.10 -1.73 -28.13
N ASP A 2363 -31.97 -0.84 -27.67
CA ASP A 2363 -33.23 -0.58 -28.36
C ASP A 2363 -33.32 0.87 -28.82
N GLY A 2367 -31.43 9.36 -28.47
CA GLY A 2367 -30.34 9.64 -29.39
C GLY A 2367 -28.98 9.24 -28.86
N VAL A 2368 -28.93 8.89 -27.58
CA VAL A 2368 -27.71 8.48 -26.91
C VAL A 2368 -27.91 7.06 -26.39
N LEU A 2369 -26.99 6.17 -26.76
CA LEU A 2369 -27.08 4.79 -26.33
C LEU A 2369 -26.73 4.67 -24.84
N LEU A 2370 -27.26 3.62 -24.22
CA LEU A 2370 -27.05 3.38 -22.80
C LEU A 2370 -26.01 2.29 -22.63
N PRO A 2371 -24.84 2.59 -22.07
CA PRO A 2371 -23.82 1.55 -21.86
C PRO A 2371 -24.33 0.45 -20.95
N PRO A 2372 -23.94 -0.80 -21.21
CA PRO A 2372 -24.43 -1.92 -20.38
C PRO A 2372 -24.08 -1.79 -18.91
N ARG A 2373 -22.93 -1.22 -18.57
CA ARG A 2373 -22.53 -1.09 -17.17
C ARG A 2373 -23.12 0.16 -16.52
N ARG A 2374 -22.96 1.32 -17.17
CA ARG A 2374 -23.47 2.57 -16.60
C ARG A 2374 -24.98 2.56 -16.47
N LYS A 2375 -25.69 1.76 -17.29
CA LYS A 2375 -27.14 1.71 -17.18
C LYS A 2375 -27.58 1.13 -15.85
N ASN A 2376 -26.86 0.13 -15.35
CA ASN A 2376 -27.18 -0.53 -14.09
C ASN A 2376 -26.05 -0.34 -13.07
N LEU A 2377 -25.49 0.86 -13.02
CA LEU A 2377 -24.42 1.14 -12.07
C LEU A 2377 -24.99 1.21 -10.65
N PHE A 2378 -24.20 0.71 -9.69
CA PHE A 2378 -24.61 0.70 -8.28
C PHE A 2378 -24.25 2.05 -7.65
N LEU A 2379 -25.10 3.03 -7.90
CA LEU A 2379 -24.95 4.37 -7.35
C LEU A 2379 -26.26 4.83 -6.72
N LYS A 2380 -26.87 3.93 -5.95
CA LYS A 2380 -28.15 4.24 -5.30
C LYS A 2380 -27.99 5.41 -4.35
N ILE A 2381 -28.96 6.32 -4.38
CA ILE A 2381 -28.93 7.48 -3.50
C ILE A 2381 -29.43 7.07 -2.12
N ASP A 2382 -28.63 7.36 -1.10
CA ASP A 2382 -28.95 7.03 0.28
C ASP A 2382 -29.08 8.31 1.07
N GLU A 2383 -30.33 8.70 1.37
CA GLU A 2383 -30.58 9.90 2.15
C GLU A 2383 -30.41 9.69 3.65
N SER A 2384 -30.33 8.44 4.11
CA SER A 2384 -30.14 8.16 5.52
C SER A 2384 -28.72 8.45 6.01
N ASP A 2385 -27.75 8.52 5.10
CA ASP A 2385 -26.37 8.82 5.45
C ASP A 2385 -25.94 10.21 5.04
N ILE A 2386 -26.87 11.06 4.59
CA ILE A 2386 -26.49 12.39 4.12
C ILE A 2386 -25.89 13.20 5.25
N CYS A 2387 -26.55 13.20 6.42
CA CYS A 2387 -26.03 13.95 7.56
C CYS A 2387 -24.75 13.31 8.11
N LYS A 2388 -24.65 11.98 8.03
CA LYS A 2388 -23.46 11.30 8.50
C LYS A 2388 -22.23 11.72 7.72
N TYR A 2389 -22.37 11.94 6.41
CA TYR A 2389 -21.23 12.38 5.61
C TYR A 2389 -20.69 13.71 6.12
N LYS A 2390 -21.59 14.63 6.47
CA LYS A 2390 -21.16 15.92 7.01
C LYS A 2390 -20.60 15.78 8.43
N ARG A 2391 -21.16 14.86 9.22
CA ARG A 2391 -20.73 14.73 10.62
C ARG A 2391 -19.41 13.97 10.73
N ASP A 2392 -19.40 12.71 10.31
CA ASP A 2392 -18.20 11.88 10.42
C ASP A 2392 -17.78 11.33 9.06
N PRO A 2393 -16.86 11.99 8.36
CA PRO A 2393 -16.36 11.44 7.10
C PRO A 2393 -15.98 9.97 7.14
N LYS A 2394 -15.70 9.42 8.33
CA LYS A 2394 -15.31 8.01 8.40
C LYS A 2394 -16.44 7.10 7.92
N LEU A 2395 -17.67 7.41 8.30
CA LEU A 2395 -18.80 6.63 7.83
C LEU A 2395 -18.95 6.73 6.31
N PHE A 2396 -18.73 7.92 5.76
CA PHE A 2396 -18.79 8.08 4.30
C PHE A 2396 -17.72 7.25 3.62
N LYS A 2397 -16.50 7.25 4.16
CA LYS A 2397 -15.43 6.44 3.59
C LYS A 2397 -15.76 4.96 3.65
N ASP A 2398 -16.30 4.50 4.79
CA ASP A 2398 -16.68 3.10 4.93
C ASP A 2398 -17.77 2.74 3.93
N PHE A 2399 -18.75 3.62 3.74
CA PHE A 2399 -19.80 3.39 2.76
C PHE A 2399 -19.22 3.30 1.35
N ILE A 2400 -18.27 4.18 1.03
CA ILE A 2400 -17.63 4.14 -0.29
C ILE A 2400 -16.92 2.81 -0.48
N TYR A 2401 -16.18 2.37 0.53
CA TYR A 2401 -15.46 1.11 0.42
C TYR A 2401 -16.42 -0.07 0.23
N SER A 2402 -17.50 -0.10 1.02
CA SER A 2402 -18.46 -1.18 0.90
C SER A 2402 -19.13 -1.19 -0.47
N SER A 2403 -19.51 0.00 -0.97
CA SER A 2403 -20.14 0.07 -2.28
C SER A 2403 -19.19 -0.39 -3.38
N ALA A 2404 -17.92 0.03 -3.30
CA ALA A 2404 -16.95 -0.40 -4.30
C ALA A 2404 -16.75 -1.91 -4.26
N ILE A 2405 -16.64 -2.47 -3.05
CA ILE A 2405 -16.45 -3.92 -2.93
C ILE A 2405 -17.64 -4.67 -3.49
N SER A 2406 -18.85 -4.23 -3.15
CA SER A 2406 -20.04 -4.90 -3.66
C SER A 2406 -20.13 -4.79 -5.18
N GLU A 2407 -19.83 -3.62 -5.73
CA GLU A 2407 -19.89 -3.45 -7.18
C GLU A 2407 -18.87 -4.35 -7.87
N VAL A 2408 -17.64 -4.40 -7.36
CA VAL A 2408 -16.63 -5.24 -7.99
C VAL A 2408 -17.01 -6.71 -7.89
N GLU A 2409 -17.55 -7.12 -6.74
CA GLU A 2409 -17.97 -8.51 -6.58
C GLU A 2409 -19.07 -8.88 -7.57
N ARG A 2410 -20.11 -8.04 -7.66
CA ARG A 2410 -21.20 -8.32 -8.59
C ARG A 2410 -20.69 -8.33 -10.02
N LEU A 2411 -19.81 -7.40 -10.36
CA LEU A 2411 -19.27 -7.36 -11.71
C LEU A 2411 -18.50 -8.63 -12.03
N LYS A 2412 -17.66 -9.10 -11.11
CA LYS A 2412 -16.88 -10.31 -11.40
C LYS A 2412 -17.78 -11.54 -11.52
N LYS A 2413 -18.81 -11.63 -10.67
CA LYS A 2413 -19.75 -12.75 -10.83
C LYS A 2413 -20.54 -12.65 -12.13
N VAL A 2414 -20.82 -11.44 -12.61
CA VAL A 2414 -21.65 -11.29 -13.80
C VAL A 2414 -20.85 -11.26 -15.10
N TYR A 2415 -19.52 -11.19 -15.02
CA TYR A 2415 -18.73 -11.10 -16.24
C TYR A 2415 -18.74 -12.40 -17.03
N GLY A 2416 -18.25 -13.46 -16.43
CA GLY A 2416 -18.20 -14.75 -17.09
C GLY A 2416 -16.97 -15.53 -16.66
N GLU A 2417 -16.30 -16.16 -17.64
CA GLU A 2417 -15.16 -17.00 -17.35
C GLU A 2417 -13.96 -16.66 -18.22
N ALA A 2418 -14.21 -16.13 -19.43
CA ALA A 2418 -13.13 -15.82 -20.35
C ALA A 2418 -12.23 -14.73 -19.76
N LYS A 2419 -10.93 -14.98 -19.76
CA LYS A 2419 -10.00 -14.06 -19.11
C LYS A 2419 -9.91 -12.73 -19.85
N THR A 2420 -9.73 -12.77 -21.18
CA THR A 2420 -9.51 -11.54 -21.94
C THR A 2420 -10.75 -10.65 -21.93
N LYS A 2421 -11.92 -11.22 -22.20
CA LYS A 2421 -13.13 -10.41 -22.21
C LYS A 2421 -13.50 -9.95 -20.81
N VAL A 2422 -13.24 -10.78 -19.81
CA VAL A 2422 -13.49 -10.36 -18.43
C VAL A 2422 -12.61 -9.18 -18.05
N VAL A 2423 -11.33 -9.22 -18.41
CA VAL A 2423 -10.45 -8.11 -18.09
C VAL A 2423 -10.84 -6.86 -18.88
N HIS A 2424 -11.27 -7.02 -20.13
CA HIS A 2424 -11.74 -5.87 -20.90
C HIS A 2424 -12.97 -5.25 -20.25
N ALA A 2425 -13.90 -6.08 -19.78
CA ALA A 2425 -15.08 -5.57 -19.09
C ALA A 2425 -14.69 -4.87 -17.80
N MET A 2426 -13.73 -5.42 -17.07
CA MET A 2426 -13.25 -4.77 -15.85
C MET A 2426 -12.66 -3.40 -16.16
N LYS A 2427 -11.86 -3.30 -17.22
CA LYS A 2427 -11.30 -2.01 -17.61
C LYS A 2427 -12.39 -1.04 -18.00
N TYR A 2428 -13.40 -1.51 -18.73
CA TYR A 2428 -14.53 -0.66 -19.09
C TYR A 2428 -15.23 -0.13 -17.85
N SER A 2429 -15.47 -1.01 -16.88
CA SER A 2429 -16.12 -0.59 -15.64
C SER A 2429 -15.26 0.41 -14.88
N PHE A 2430 -13.94 0.20 -14.86
CA PHE A 2430 -13.05 1.13 -14.18
C PHE A 2430 -13.10 2.51 -14.83
N ALA A 2431 -13.07 2.55 -16.16
CA ALA A 2431 -13.18 3.83 -16.85
C ALA A 2431 -14.52 4.50 -16.56
N ASP A 2432 -15.60 3.73 -16.56
CA ASP A 2432 -16.91 4.28 -16.28
C ASP A 2432 -16.99 4.86 -14.87
N ILE A 2433 -16.45 4.13 -13.88
CA ILE A 2433 -16.49 4.61 -12.50
C ILE A 2433 -15.62 5.85 -12.35
N GLY A 2434 -14.45 5.87 -12.98
CA GLY A 2434 -13.61 7.05 -12.93
C GLY A 2434 -14.30 8.27 -13.53
N SER A 2435 -14.96 8.09 -14.67
CA SER A 2435 -15.68 9.19 -15.29
C SER A 2435 -16.83 9.67 -14.42
N ILE A 2436 -17.59 8.74 -13.84
CA ILE A 2436 -18.75 9.12 -13.03
C ILE A 2436 -18.33 9.84 -11.77
N ILE A 2437 -17.28 9.34 -11.09
CA ILE A 2437 -16.85 9.95 -9.83
C ILE A 2437 -16.17 11.29 -10.02
N LYS A 2438 -15.75 11.62 -11.23
CA LYS A 2438 -15.12 12.91 -11.48
C LYS A 2438 -16.11 14.05 -11.63
N GLY A 2439 -17.41 13.75 -11.72
CA GLY A 2439 -18.40 14.80 -11.87
C GLY A 2439 -18.25 15.59 -13.15
N ASP A 2440 -17.98 14.93 -14.26
CA ASP A 2440 -17.80 15.58 -15.55
C ASP A 2440 -18.80 15.15 -16.60
N ASP A 2441 -19.24 13.90 -16.58
CA ASP A 2441 -20.21 13.42 -17.57
C ASP A 2441 -21.63 13.73 -17.14
N MET A 2443 -24.64 14.04 -17.79
CA MET A 2443 -25.93 13.47 -18.18
C MET A 2443 -26.60 12.78 -17.01
N GLU A 2444 -25.86 12.57 -15.94
CA GLU A 2444 -26.36 11.92 -14.73
C GLU A 2444 -26.61 12.97 -13.67
N ASN A 2445 -27.84 13.01 -13.15
CA ASN A 2445 -28.21 13.97 -12.12
C ASN A 2445 -27.94 13.43 -10.71
N ASN A 2446 -28.21 12.15 -10.48
CA ASN A 2446 -27.98 11.58 -9.15
C ASN A 2446 -26.51 11.62 -8.78
N SER A 2447 -25.62 11.29 -9.72
CA SER A 2447 -24.19 11.34 -9.43
C SER A 2447 -23.74 12.76 -9.12
N SER A 2448 -24.23 13.75 -9.88
CA SER A 2448 -23.87 15.13 -9.63
C SER A 2448 -24.37 15.59 -8.26
N ASP A 2449 -25.60 15.21 -7.91
CA ASP A 2449 -26.13 15.57 -6.59
C ASP A 2449 -25.31 14.93 -5.48
N LYS A 2450 -24.95 13.67 -5.65
CA LYS A 2450 -24.12 12.99 -4.64
C LYS A 2450 -22.78 13.69 -4.48
N ILE A 2451 -22.14 14.05 -5.59
CA ILE A 2451 -20.85 14.72 -5.53
C ILE A 2451 -20.99 16.07 -4.84
N GLY A 2452 -22.02 16.83 -5.19
CA GLY A 2452 -22.23 18.12 -4.54
C GLY A 2452 -22.47 18.00 -3.05
N LYS A 2453 -23.29 17.03 -2.65
CA LYS A 2453 -23.56 16.83 -1.24
C LYS A 2453 -22.30 16.41 -0.48
N ILE A 2454 -21.51 15.51 -1.07
CA ILE A 2454 -20.32 15.02 -0.37
C ILE A 2454 -19.27 16.12 -0.25
N LEU A 2455 -18.99 16.83 -1.34
CA LEU A 2455 -18.01 17.91 -1.30
C LEU A 2455 -18.43 19.17 -2.05
N GLY A 2456 -19.45 19.13 -2.89
CA GLY A 2456 -19.78 20.28 -3.71
C GLY A 2456 -18.71 20.57 -4.73
N ASP A 2457 -18.22 19.52 -5.39
CA ASP A 2457 -17.13 19.66 -6.35
C ASP A 2457 -17.50 20.65 -7.45
N GLY A 2458 -16.48 21.10 -8.17
CA GLY A 2458 -16.65 22.04 -9.26
C GLY A 2458 -17.06 21.37 -10.55
N VAL A 2459 -17.11 22.16 -11.61
CA VAL A 2459 -17.54 21.65 -12.91
C VAL A 2459 -16.59 20.57 -13.41
N GLY A 2460 -15.28 20.82 -13.30
CA GLY A 2460 -14.31 19.86 -13.79
C GLY A 2460 -13.05 19.75 -12.97
N GLN A 2461 -13.03 20.39 -11.80
CA GLN A 2461 -11.86 20.35 -10.91
C GLN A 2461 -12.04 19.17 -9.96
N ASN A 2462 -11.27 18.10 -10.18
CA ASN A 2462 -11.35 16.90 -9.37
C ASN A 2462 -9.96 16.34 -9.09
N GLU A 2463 -9.00 17.22 -8.79
CA GLU A 2463 -7.66 16.74 -8.47
C GLU A 2463 -7.67 15.83 -7.25
N LYS A 2464 -8.34 16.27 -6.18
CA LYS A 2464 -8.55 15.38 -5.04
C LYS A 2464 -9.38 14.17 -5.45
N ARG A 2465 -10.42 14.40 -6.26
CA ARG A 2465 -11.18 13.29 -6.80
C ARG A 2465 -10.32 12.40 -7.68
N LYS A 2466 -9.38 12.99 -8.44
CA LYS A 2466 -8.49 12.18 -9.27
C LYS A 2466 -7.62 11.27 -8.42
N LYS A 2467 -7.04 11.81 -7.34
CA LYS A 2467 -6.22 10.99 -6.47
C LYS A 2467 -7.05 9.92 -5.77
N TRP A 2468 -8.28 10.27 -5.34
CA TRP A 2468 -9.16 9.28 -4.73
C TRP A 2468 -9.48 8.17 -5.71
N TRP A 2469 -9.76 8.52 -6.97
CA TRP A 2469 -10.03 7.52 -7.99
C TRP A 2469 -8.82 6.62 -8.22
N ASP A 2470 -7.62 7.21 -8.25
CA ASP A 2470 -6.41 6.41 -8.42
C ASP A 2470 -6.25 5.40 -7.29
N MET A 2471 -6.44 5.87 -6.05
CA MET A 2471 -6.31 4.97 -4.90
C MET A 2471 -7.37 3.87 -4.94
N ASN A 2472 -8.61 4.23 -5.29
CA ASN A 2472 -9.68 3.24 -5.37
C ASN A 2472 -9.39 2.23 -6.47
N LYS A 2473 -8.86 2.68 -7.60
CA LYS A 2473 -8.49 1.76 -8.68
C LYS A 2473 -7.40 0.80 -8.22
N TYR A 2474 -6.39 1.31 -7.51
CA TYR A 2474 -5.34 0.44 -7.01
C TYR A 2474 -5.89 -0.60 -6.04
N HIS A 2475 -6.79 -0.16 -5.14
CA HIS A 2475 -7.38 -1.10 -4.19
C HIS A 2475 -8.22 -2.15 -4.91
N ILE A 2476 -9.00 -1.74 -5.90
CA ILE A 2476 -9.81 -2.69 -6.64
C ILE A 2476 -8.92 -3.68 -7.40
N TRP A 2477 -7.81 -3.19 -7.96
CA TRP A 2477 -6.90 -4.07 -8.67
C TRP A 2477 -6.28 -5.10 -7.73
N GLU A 2478 -5.85 -4.67 -6.55
CA GLU A 2478 -5.29 -5.64 -5.60
C GLU A 2478 -6.34 -6.64 -5.14
N SER A 2479 -7.58 -6.18 -4.89
CA SER A 2479 -8.64 -7.09 -4.49
C SER A 2479 -8.93 -8.11 -5.58
N MET A 2480 -8.99 -7.66 -6.84
CA MET A 2480 -9.25 -8.56 -7.95
C MET A 2480 -8.09 -9.55 -8.14
N LEU A 2481 -6.85 -9.09 -7.95
CA LEU A 2481 -5.72 -10.00 -8.01
C LEU A 2481 -5.83 -11.08 -6.95
N CYS A 2482 -6.18 -10.69 -5.72
CA CYS A 2482 -6.38 -11.69 -4.66
C CYS A 2482 -7.51 -12.66 -5.03
N GLY A 2483 -8.61 -12.14 -5.55
CA GLY A 2483 -9.71 -13.02 -5.92
C GLY A 2483 -9.33 -14.01 -7.00
N TYR A 2484 -8.64 -13.53 -8.04
CA TYR A 2484 -8.21 -14.42 -9.11
C TYR A 2484 -7.22 -15.46 -8.61
N LYS A 2485 -6.27 -15.05 -7.76
CA LYS A 2485 -5.31 -16.00 -7.22
C LYS A 2485 -6.00 -17.07 -6.38
N HIS A 2486 -6.97 -16.67 -5.56
CA HIS A 2486 -7.70 -17.65 -4.75
C HIS A 2486 -8.53 -18.57 -5.61
N ALA A 2487 -9.22 -18.03 -6.62
CA ALA A 2487 -10.05 -18.87 -7.48
C ALA A 2487 -9.21 -19.82 -8.32
N TYR A 2488 -8.13 -19.30 -8.91
CA TYR A 2488 -7.23 -20.10 -9.74
C TYR A 2488 -5.81 -19.94 -9.26
N GLY A 2489 -5.12 -21.07 -9.09
CA GLY A 2489 -3.75 -21.06 -8.62
C GLY A 2489 -2.77 -21.58 -9.64
N LEU A 2499 0.82 -8.07 -12.39
CA LEU A 2499 0.41 -7.47 -11.14
C LEU A 2499 0.19 -5.96 -11.30
N ASP A 2500 1.20 -5.28 -11.84
CA ASP A 2500 1.09 -3.84 -12.04
C ASP A 2500 0.02 -3.52 -13.07
N ILE A 2501 -0.65 -2.40 -12.85
CA ILE A 2501 -1.73 -1.98 -13.76
C ILE A 2501 -1.11 -1.61 -15.11
N PRO A 2502 -1.62 -2.16 -16.21
CA PRO A 2502 -1.05 -1.82 -17.53
C PRO A 2502 -1.24 -0.34 -17.86
N ASN A 2503 -0.27 0.18 -18.61
CA ASN A 2503 -0.32 1.59 -19.00
C ASN A 2503 -1.47 1.91 -19.94
N ASN A 2504 -2.03 0.89 -20.61
CA ASN A 2504 -3.14 1.15 -21.52
C ASN A 2504 -4.35 1.72 -20.78
N ASP A 2505 -4.67 1.16 -19.61
CA ASP A 2505 -5.78 1.65 -18.81
C ASP A 2505 -5.47 2.94 -18.07
N ASP A 2506 -4.19 3.31 -17.99
CA ASP A 2506 -3.79 4.51 -17.28
C ASP A 2506 -3.93 5.79 -18.10
N GLU A 2507 -4.34 5.67 -19.37
CA GLU A 2507 -4.52 6.83 -20.22
C GLU A 2507 -5.72 7.64 -19.73
N HIS A 2508 -6.02 8.74 -20.43
CA HIS A 2508 -7.15 9.57 -20.07
C HIS A 2508 -8.43 8.75 -20.11
N GLN A 2509 -9.26 8.88 -19.06
CA GLN A 2509 -10.49 8.10 -19.01
C GLN A 2509 -11.45 8.46 -20.13
N PHE A 2510 -11.55 9.76 -20.46
CA PHE A 2510 -12.47 10.17 -21.52
C PHE A 2510 -12.09 9.57 -22.87
N LEU A 2511 -10.79 9.60 -23.20
CA LEU A 2511 -10.34 9.02 -24.46
C LEU A 2511 -10.33 7.49 -24.42
N ARG A 2512 -9.94 6.92 -23.27
CA ARG A 2512 -9.98 5.47 -23.13
C ARG A 2512 -11.40 4.95 -23.27
N TRP A 2513 -12.40 5.76 -22.90
CA TRP A 2513 -13.78 5.33 -22.99
C TRP A 2513 -14.21 5.17 -24.45
N PHE A 2514 -13.85 6.12 -25.30
CA PHE A 2514 -14.10 5.97 -26.73
C PHE A 2514 -13.26 4.85 -27.34
N GLN A 2515 -12.02 4.68 -26.87
CA GLN A 2515 -11.19 3.59 -27.36
C GLN A 2515 -11.82 2.24 -27.05
N GLU A 2516 -12.39 2.10 -25.85
CA GLU A 2516 -13.05 0.85 -25.47
C GLU A 2516 -14.36 0.66 -26.21
N TRP A 2517 -15.09 1.74 -26.51
CA TRP A 2517 -16.19 1.62 -27.45
C TRP A 2517 -15.72 1.06 -28.79
N THR A 2518 -14.62 1.60 -29.31
CA THR A 2518 -14.11 1.10 -30.59
C THR A 2518 -13.74 -0.37 -30.49
N GLU A 2519 -13.11 -0.78 -29.39
CA GLU A 2519 -12.72 -2.17 -29.21
C GLU A 2519 -13.94 -3.08 -29.19
N ASN A 2520 -14.98 -2.71 -28.42
CA ASN A 2520 -16.15 -3.56 -28.34
C ASN A 2520 -16.91 -3.58 -29.67
N PHE A 2521 -16.92 -2.46 -30.40
CA PHE A 2521 -17.51 -2.45 -31.72
C PHE A 2521 -16.78 -3.40 -32.66
N CYS A 2522 -15.44 -3.40 -32.62
CA CYS A 2522 -14.68 -4.33 -33.44
C CYS A 2522 -14.98 -5.78 -33.05
N THR A 2523 -15.07 -6.05 -31.75
CA THR A 2523 -15.40 -7.40 -31.31
C THR A 2523 -16.76 -7.84 -31.83
N LYS A 2524 -17.75 -6.95 -31.74
CA LYS A 2524 -19.08 -7.27 -32.25
C LYS A 2524 -19.05 -7.49 -33.75
N ARG A 2525 -18.28 -6.66 -34.48
CA ARG A 2525 -18.18 -6.82 -35.92
C ARG A 2525 -17.59 -8.18 -36.29
N ASN A 2526 -16.52 -8.57 -35.60
CA ASN A 2526 -15.91 -9.86 -35.87
C ASN A 2526 -16.84 -11.01 -35.52
N GLU A 2527 -17.55 -10.91 -34.39
CA GLU A 2527 -18.49 -11.96 -34.02
C GLU A 2527 -19.60 -12.10 -35.05
N LEU A 2528 -20.15 -10.97 -35.51
CA LEU A 2528 -21.19 -11.02 -36.54
C LEU A 2528 -20.65 -11.59 -37.84
N TYR A 2529 -19.42 -11.21 -38.22
CA TYR A 2529 -18.82 -11.76 -39.43
C TYR A 2529 -18.70 -13.27 -39.35
N GLU A 2530 -18.17 -13.78 -38.23
CA GLU A 2530 -18.02 -15.23 -38.09
C GLU A 2530 -19.38 -15.93 -38.06
N ASN A 2531 -20.35 -15.36 -37.36
CA ASN A 2531 -21.68 -15.96 -37.32
C ASN A 2531 -22.29 -16.03 -38.71
N MET A 2532 -22.19 -14.95 -39.49
CA MET A 2532 -22.81 -14.93 -40.81
C MET A 2532 -22.07 -15.85 -41.78
N VAL A 2533 -20.75 -15.95 -41.64
CA VAL A 2533 -20.00 -16.86 -42.51
C VAL A 2533 -20.34 -18.30 -42.19
N THR A 2534 -20.53 -18.62 -40.90
CA THR A 2534 -20.81 -19.99 -40.52
C THR A 2534 -22.27 -20.40 -40.71
N ALA A 2535 -23.19 -19.43 -40.73
CA ALA A 2535 -24.61 -19.77 -40.76
C ALA A 2535 -25.01 -20.54 -42.02
N CYS A 2536 -24.92 -19.90 -43.19
CA CYS A 2536 -25.37 -20.53 -44.43
C CYS A 2536 -24.49 -20.18 -45.62
N ASN A 2537 -23.19 -19.95 -45.39
CA ASN A 2537 -22.31 -19.68 -46.51
C ASN A 2537 -22.22 -20.87 -47.46
N SER A 2538 -22.19 -22.09 -46.92
CA SER A 2538 -22.18 -23.28 -47.75
C SER A 2538 -23.53 -23.56 -48.41
N ALA A 2539 -24.60 -22.94 -47.91
CA ALA A 2539 -25.93 -23.14 -48.48
C ALA A 2539 -26.13 -22.24 -49.69
N LYS A 2540 -27.12 -22.58 -50.50
CA LYS A 2540 -27.44 -21.80 -51.70
C LYS A 2540 -28.95 -21.74 -51.92
N GLY A 2546 -36.07 -20.16 -56.86
CA GLY A 2546 -36.91 -18.99 -56.66
C GLY A 2546 -37.10 -18.63 -55.20
N SER A 2547 -38.16 -19.16 -54.60
CA SER A 2547 -38.44 -18.88 -53.20
C SER A 2547 -37.34 -19.45 -52.31
N VAL A 2548 -37.04 -18.72 -51.22
CA VAL A 2548 -36.02 -19.16 -50.29
C VAL A 2548 -36.50 -20.41 -49.55
N ASP A 2549 -35.58 -21.35 -49.35
CA ASP A 2549 -35.90 -22.59 -48.65
C ASP A 2549 -35.56 -22.56 -47.17
N LYS A 2550 -34.62 -21.71 -46.76
CA LYS A 2550 -34.22 -21.59 -45.36
C LYS A 2550 -34.52 -20.18 -44.89
N LYS A 2551 -35.34 -20.05 -43.84
CA LYS A 2551 -35.74 -18.76 -43.32
C LYS A 2551 -34.80 -18.22 -42.25
N GLU A 2552 -33.83 -19.01 -41.81
CA GLU A 2552 -32.93 -18.55 -40.75
C GLU A 2552 -32.08 -17.37 -41.22
N CYS A 2553 -31.60 -17.41 -42.45
CA CYS A 2553 -30.70 -16.38 -42.97
C CYS A 2553 -31.46 -15.21 -43.61
N THR A 2554 -32.79 -15.25 -43.63
CA THR A 2554 -33.54 -14.13 -44.21
C THR A 2554 -33.31 -12.85 -43.43
N GLU A 2555 -32.93 -12.95 -42.16
CA GLU A 2555 -32.70 -11.79 -41.30
C GLU A 2555 -31.29 -11.75 -40.74
N ALA A 2556 -30.37 -12.54 -41.32
CA ALA A 2556 -29.01 -12.61 -40.78
C ALA A 2556 -28.20 -11.38 -41.18
N CYS A 2557 -28.02 -11.17 -42.49
CA CYS A 2557 -27.19 -10.07 -42.96
C CYS A 2557 -27.82 -8.71 -42.71
N LYS A 2558 -29.14 -8.60 -42.88
CA LYS A 2558 -29.79 -7.29 -42.79
C LYS A 2558 -29.55 -6.65 -41.43
N ASN A 2559 -29.67 -7.42 -40.35
CA ASN A 2559 -29.40 -6.85 -39.02
C ASN A 2559 -28.01 -6.23 -38.97
N TYR A 2560 -27.02 -6.90 -39.57
CA TYR A 2560 -25.68 -6.33 -39.63
C TYR A 2560 -25.72 -4.93 -40.23
N SER A 2561 -26.41 -4.78 -41.36
CA SER A 2561 -26.59 -3.45 -41.93
C SER A 2561 -27.25 -2.51 -40.92
N ASN A 2562 -28.32 -2.98 -40.28
CA ASN A 2562 -28.93 -2.20 -39.22
C ASN A 2562 -27.91 -1.88 -38.13
N PHE A 2563 -27.10 -2.87 -37.75
CA PHE A 2563 -26.02 -2.59 -36.81
C PHE A 2563 -25.08 -1.53 -37.35
N ILE A 2564 -24.73 -1.63 -38.64
CA ILE A 2564 -23.93 -0.58 -39.27
C ILE A 2564 -24.66 0.76 -39.17
N LEU A 2565 -25.99 0.73 -39.35
CA LEU A 2565 -26.77 1.94 -39.14
C LEU A 2565 -26.59 2.48 -37.73
N ILE A 2566 -26.66 1.59 -36.74
CA ILE A 2566 -26.35 1.99 -35.37
C ILE A 2566 -24.97 2.61 -35.31
N LYS A 2567 -24.03 2.05 -36.08
CA LYS A 2567 -22.70 2.65 -36.18
C LYS A 2567 -22.79 4.13 -36.53
N LYS A 2568 -23.55 4.47 -37.58
CA LYS A 2568 -23.73 5.89 -37.89
C LYS A 2568 -24.24 6.64 -36.68
N LYS A 2569 -25.26 6.09 -36.01
CA LYS A 2569 -25.73 6.72 -34.77
C LYS A 2569 -24.57 6.93 -33.81
N GLU A 2570 -23.80 5.88 -33.53
CA GLU A 2570 -22.59 6.05 -32.74
C GLU A 2570 -21.66 7.04 -33.41
N TYR A 2571 -21.45 6.89 -34.72
CA TYR A 2571 -20.67 7.88 -35.46
C TYR A 2571 -21.28 9.26 -35.29
N GLN A 2572 -22.61 9.36 -35.36
CA GLN A 2572 -23.26 10.63 -35.06
C GLN A 2572 -22.84 11.13 -33.69
N SER A 2573 -22.96 10.27 -32.67
CA SER A 2573 -22.42 10.61 -31.36
C SER A 2573 -20.92 10.89 -31.46
N LEU A 2574 -20.20 10.04 -32.19
CA LEU A 2574 -18.80 10.33 -32.48
C LEU A 2574 -18.65 11.72 -33.05
N ASN A 2575 -19.50 12.08 -34.02
CA ASN A 2575 -19.47 13.43 -34.56
C ASN A 2575 -19.63 14.45 -33.44
N SER A 2576 -20.64 14.27 -32.59
CA SER A 2576 -20.79 15.15 -31.44
C SER A 2576 -19.55 15.10 -30.57
N GLN A 2577 -19.01 13.90 -30.34
CA GLN A 2577 -17.75 13.79 -29.61
C GLN A 2577 -16.65 14.55 -30.32
N TYR A 2578 -16.60 14.46 -31.65
CA TYR A 2578 -15.63 15.26 -32.40
C TYR A 2578 -15.83 16.74 -32.10
N ASP A 2579 -17.09 17.18 -31.99
CA ASP A 2579 -17.35 18.56 -31.62
C ASP A 2579 -16.74 18.90 -30.27
N MET A 2580 -16.74 17.96 -29.32
CA MET A 2580 -16.06 18.18 -28.07
C MET A 2580 -14.57 18.35 -28.28
N ASN A 2581 -13.98 17.53 -29.14
CA ASN A 2581 -12.57 17.66 -29.49
C ASN A 2581 -12.32 18.82 -30.45
N TYR A 2582 -13.33 19.22 -31.24
CA TYR A 2582 -13.15 20.28 -32.21
C TYR A 2582 -12.91 21.64 -31.54
N LYS A 2583 -13.15 21.74 -30.24
CA LYS A 2583 -12.95 22.98 -29.53
C LYS A 2583 -11.57 23.56 -29.82
N GLU A 2584 -11.47 24.89 -29.75
CA GLU A 2584 -10.22 25.56 -30.09
C GLU A 2584 -9.09 25.12 -29.17
N THR A 2585 -9.37 25.03 -27.87
CA THR A 2585 -8.36 24.62 -26.90
C THR A 2585 -8.06 23.14 -27.11
N LYS A 2586 -6.83 22.83 -27.50
CA LYS A 2586 -6.42 21.46 -27.81
C LYS A 2586 -7.42 20.80 -28.78
N ALA A 2587 -7.61 21.48 -29.92
CA ALA A 2587 -8.56 20.99 -30.92
C ALA A 2587 -8.17 19.60 -31.41
N GLU A 2588 -6.89 19.39 -31.70
CA GLU A 2588 -6.41 18.08 -32.10
C GLU A 2588 -4.91 18.03 -31.94
N LYS A 2589 -4.44 17.17 -31.04
CA LYS A 2589 -2.99 16.99 -30.89
C LYS A 2589 -2.40 16.19 -32.05
N LYS A 2590 -3.20 15.36 -32.70
CA LYS A 2590 -2.71 14.59 -33.84
C LYS A 2590 -3.92 14.01 -34.57
N GLU A 2591 -3.76 13.82 -35.88
CA GLU A 2591 -4.92 13.72 -36.77
C GLU A 2591 -5.89 12.62 -36.35
N SER A 2592 -7.18 12.92 -36.49
CA SER A 2592 -8.22 12.08 -35.90
C SER A 2592 -8.20 10.65 -36.41
N PRO A 2593 -8.22 10.38 -37.72
CA PRO A 2593 -8.11 8.98 -38.16
C PRO A 2593 -6.76 8.39 -37.84
N GLU A 2594 -5.68 9.14 -38.07
CA GLU A 2594 -4.36 8.66 -37.70
C GLU A 2594 -4.23 8.52 -36.19
N TYR A 2595 -4.90 9.41 -35.44
CA TYR A 2595 -4.93 9.28 -33.98
C TYR A 2595 -5.61 7.97 -33.57
N PHE A 2596 -6.72 7.63 -34.22
CA PHE A 2596 -7.38 6.35 -33.94
C PHE A 2596 -6.46 5.19 -34.28
N LYS A 2597 -5.76 5.28 -35.41
CA LYS A 2597 -4.84 4.21 -35.81
C LYS A 2597 -3.73 4.04 -34.78
N ASP A 2598 -3.15 5.14 -34.28
CA ASP A 2598 -2.03 5.08 -33.36
C ASP A 2598 -2.45 4.95 -31.90
N LYS A 2599 -3.75 5.07 -31.60
CA LYS A 2599 -4.20 5.00 -30.22
C LYS A 2599 -4.13 3.58 -29.65
N CYS A 2600 -3.87 2.58 -30.48
CA CYS A 2600 -3.76 1.19 -30.04
C CYS A 2600 -2.35 0.69 -30.24
N ASN A 2601 -1.94 -0.24 -29.37
CA ASN A 2601 -0.68 -0.95 -29.55
C ASN A 2601 -0.90 -2.23 -30.34
N GLY A 2602 -1.52 -2.09 -31.51
CA GLY A 2602 -1.89 -3.21 -32.34
C GLY A 2602 -3.33 -3.65 -32.24
N GLU A 2603 -4.17 -2.92 -31.51
CA GLU A 2603 -5.57 -3.27 -31.34
C GLU A 2603 -6.50 -2.39 -32.17
N CYS A 2604 -5.98 -1.39 -32.86
CA CYS A 2604 -6.79 -0.53 -33.72
C CYS A 2604 -6.67 -0.89 -35.20
N SER A 2605 -6.10 -2.04 -35.52
CA SER A 2605 -6.05 -2.48 -36.90
C SER A 2605 -7.45 -2.64 -37.48
N CYS A 2606 -8.37 -3.20 -36.69
CA CYS A 2606 -9.76 -3.31 -37.05
C CYS A 2606 -10.57 -2.07 -36.72
N LEU A 2607 -9.94 -1.05 -36.14
CA LEU A 2607 -10.62 0.16 -35.71
C LEU A 2607 -10.36 1.27 -36.71
N SER A 2608 -11.43 1.95 -37.13
CA SER A 2608 -11.34 3.03 -38.11
C SER A 2608 -10.75 2.55 -39.43
N GLU A 2609 -11.04 1.31 -39.81
CA GLU A 2609 -10.53 0.74 -41.05
C GLU A 2609 -11.35 1.22 -42.25
#